data_2DZE
#
_entry.id   2DZE
#
_cell.length_a   40.155
_cell.length_b   52.130
_cell.length_c   60.654
_cell.angle_alpha   107.35
_cell.angle_beta   105.94
_cell.angle_gamma   93.95
#
_symmetry.space_group_name_H-M   'P 1'
#
loop_
_entity.id
_entity.type
_entity.pdbx_description
1 polymer 'Histone chaperone cia1'
2 polymer '10-mer peptide from Histone H3.1/H3.2'
3 non-polymer 'TRIETHYLENE GLYCOL'
4 water water
#
loop_
_entity_poly.entity_id
_entity_poly.type
_entity_poly.pdbx_seq_one_letter_code
_entity_poly.pdbx_strand_id
1 'polypeptide(L)'
;MSIVNILSVNVLNNPAKFSDPYKFEITFECLEPLKSDLEWKLTYVGSATSQSYDQILDTLLVGPIPIGINKFVFEADPPN
IDLLPQLSDVLGVTVILLSCAYEDNEFVRVGYYVNNEMEGLNLQEMDDAEIKKVKVDISKVWRSILAEKPRVTRFNIQWD
N
;
A,B
2 'polypeptide(L)' KDMQLARRLR X
#
# COMPACT_ATOMS: atom_id res chain seq x y z
N MET A 1 11.53 24.15 5.73
CA MET A 1 11.65 22.70 5.38
C MET A 1 12.96 22.43 4.57
N SER A 2 14.11 22.66 5.22
CA SER A 2 15.39 22.86 4.54
C SER A 2 16.00 21.72 3.68
N ILE A 3 15.87 20.44 4.09
CA ILE A 3 16.60 19.39 3.40
C ILE A 3 16.02 18.95 2.03
N VAL A 4 14.70 18.93 1.92
CA VAL A 4 14.00 18.57 0.69
C VAL A 4 13.15 19.72 0.17
N ASN A 5 13.38 20.06 -1.10
CA ASN A 5 12.62 21.12 -1.74
C ASN A 5 12.03 20.64 -3.04
N ILE A 6 10.69 20.73 -3.16
CA ILE A 6 10.00 20.37 -4.39
C ILE A 6 10.23 21.43 -5.45
N LEU A 7 10.67 20.98 -6.60
CA LEU A 7 11.04 21.90 -7.68
C LEU A 7 9.93 21.99 -8.72
N SER A 8 9.27 20.86 -8.97
CA SER A 8 8.27 20.77 -9.99
C SER A 8 7.25 19.64 -9.74
N VAL A 9 6.01 19.93 -10.13
CA VAL A 9 4.91 18.95 -10.08
C VAL A 9 4.07 19.05 -11.33
N ASN A 10 4.07 17.94 -12.06
CA ASN A 10 3.27 17.86 -13.27
C ASN A 10 2.27 16.77 -13.20
N VAL A 11 1.01 17.04 -13.58
CA VAL A 11 0.02 15.98 -13.74
C VAL A 11 0.13 15.39 -15.15
N LEU A 12 0.48 14.11 -15.25
CA LEU A 12 0.76 13.50 -16.55
C LEU A 12 -0.52 13.37 -17.37
N ASN A 13 -1.63 12.97 -16.71
CA ASN A 13 -2.83 12.53 -17.46
C ASN A 13 -3.98 13.41 -17.05
N ASN A 14 -4.31 14.39 -17.89
CA ASN A 14 -5.21 15.45 -17.45
C ASN A 14 -5.79 16.18 -18.67
N PRO A 15 -7.12 16.15 -18.90
CA PRO A 15 -8.14 15.64 -17.97
C PRO A 15 -8.04 14.14 -18.00
N ALA A 16 -8.83 13.46 -17.18
CA ALA A 16 -8.83 11.97 -17.15
C ALA A 16 -10.18 11.46 -16.70
N LYS A 17 -10.41 10.16 -16.86
CA LYS A 17 -11.65 9.62 -16.26
C LYS A 17 -11.58 9.68 -14.73
N PHE A 18 -12.72 9.85 -14.07
CA PHE A 18 -12.74 9.83 -12.60
C PHE A 18 -12.02 8.55 -12.03
N SER A 19 -12.25 7.40 -12.67
CA SER A 19 -11.65 6.12 -12.20
C SER A 19 -10.22 5.89 -12.65
N ASP A 20 -9.67 6.80 -13.46
CA ASP A 20 -8.28 6.61 -13.85
C ASP A 20 -7.33 6.91 -12.67
N PRO A 21 -6.32 6.07 -12.44
CA PRO A 21 -5.32 6.42 -11.44
C PRO A 21 -4.68 7.74 -11.73
N TYR A 22 -4.27 8.44 -10.67
CA TYR A 22 -3.61 9.74 -10.79
C TYR A 22 -2.15 9.50 -11.09
N LYS A 23 -1.56 10.35 -11.94
CA LYS A 23 -0.11 10.29 -12.18
C LYS A 23 0.49 11.68 -11.99
N PHE A 24 1.33 11.81 -10.97
CA PHE A 24 2.02 13.05 -10.65
C PHE A 24 3.50 12.84 -10.84
N GLU A 25 4.09 13.57 -11.77
CA GLU A 25 5.56 13.59 -11.96
C GLU A 25 6.19 14.70 -11.15
N ILE A 26 7.06 14.28 -10.26
CA ILE A 26 7.53 15.19 -9.22
C ILE A 26 9.01 15.28 -9.28
N THR A 27 9.52 16.50 -9.34
CA THR A 27 10.96 16.73 -9.22
C THR A 27 11.19 17.48 -7.94
N PHE A 28 12.24 17.07 -7.22
CA PHE A 28 12.66 17.74 -6.01
C PHE A 28 14.17 17.70 -5.91
N GLU A 29 14.72 18.44 -4.96
CA GLU A 29 16.12 18.35 -4.67
C GLU A 29 16.30 17.90 -3.23
N CYS A 30 17.33 17.10 -3.01
CA CYS A 30 17.70 16.70 -1.68
C CYS A 30 19.09 17.29 -1.40
N LEU A 31 19.15 18.25 -0.46
CA LEU A 31 20.37 19.03 -0.21
C LEU A 31 21.39 18.32 0.67
N GLU A 32 20.90 17.39 1.49
CA GLU A 32 21.75 16.60 2.40
C GLU A 32 21.24 15.19 2.54
N PRO A 33 22.13 14.25 2.83
CA PRO A 33 21.72 12.87 3.17
C PRO A 33 20.64 12.75 4.27
N LEU A 34 19.77 11.76 4.09
CA LEU A 34 18.69 11.47 5.03
C LEU A 34 18.71 10.02 5.51
N LYS A 35 18.48 9.81 6.81
CA LYS A 35 18.41 8.46 7.41
C LYS A 35 17.29 7.64 6.82
N SER A 36 16.16 8.29 6.57
CA SER A 36 14.94 7.53 6.29
C SER A 36 14.34 7.83 4.94
N ASP A 37 13.27 7.11 4.62
CA ASP A 37 12.47 7.31 3.38
C ASP A 37 11.61 8.60 3.43
N LEU A 38 11.27 9.12 2.25
CA LEU A 38 10.21 10.13 2.17
C LEU A 38 8.90 9.39 2.00
N GLU A 39 7.86 9.88 2.67
CA GLU A 39 6.56 9.30 2.56
C GLU A 39 5.63 10.29 1.84
N TRP A 40 5.27 9.97 0.61
CA TRP A 40 4.35 10.77 -0.19
C TRP A 40 2.93 10.28 -0.03
N LYS A 41 1.93 11.19 -0.08
CA LYS A 41 0.55 10.78 0.08
C LYS A 41 -0.29 11.58 -0.88
N LEU A 42 -1.37 11.00 -1.39
CA LEU A 42 -2.39 11.79 -2.09
C LEU A 42 -3.73 11.60 -1.39
N THR A 43 -4.41 12.72 -1.14
CA THR A 43 -5.65 12.74 -0.39
C THR A 43 -6.74 13.36 -1.20
N TYR A 44 -7.83 12.63 -1.40
CA TYR A 44 -9.01 13.18 -2.04
C TYR A 44 -9.92 13.85 -1.00
N VAL A 45 -10.25 15.11 -1.23
CA VAL A 45 -11.09 15.88 -0.28
C VAL A 45 -12.43 16.06 -0.94
N GLY A 46 -13.39 15.27 -0.50
CA GLY A 46 -14.72 15.25 -1.09
C GLY A 46 -15.69 16.35 -0.71
N SER A 47 -15.53 16.94 0.49
CA SER A 47 -16.39 18.07 0.93
C SER A 47 -15.53 19.24 1.36
N ALA A 48 -15.94 20.45 0.99
CA ALA A 48 -15.20 21.64 1.43
C ALA A 48 -15.57 22.09 2.84
N THR A 49 -16.66 21.54 3.39
CA THR A 49 -17.18 21.93 4.72
C THR A 49 -16.49 21.17 5.86
N SER A 50 -16.33 19.84 5.69
CA SER A 50 -15.76 18.98 6.74
C SER A 50 -14.77 17.94 6.18
N GLN A 51 -14.10 17.22 7.08
CA GLN A 51 -13.09 16.22 6.68
C GLN A 51 -13.60 14.78 6.66
N SER A 52 -14.85 14.62 7.07
CA SER A 52 -15.50 13.33 6.98
C SER A 52 -15.30 12.64 5.62
N TYR A 53 -15.30 13.44 4.54
CA TYR A 53 -15.23 12.87 3.20
C TYR A 53 -13.82 12.84 2.54
N ASP A 54 -12.82 12.96 3.37
CA ASP A 54 -11.43 12.75 2.92
C ASP A 54 -11.08 11.29 2.71
N GLN A 55 -10.39 10.98 1.60
CA GLN A 55 -9.87 9.62 1.39
C GLN A 55 -8.40 9.72 1.11
N ILE A 56 -7.61 8.97 1.88
CA ILE A 56 -6.23 8.81 1.50
C ILE A 56 -6.14 7.80 0.38
N LEU A 57 -5.74 8.27 -0.81
CA LEU A 57 -5.72 7.48 -2.03
C LEU A 57 -4.59 6.48 -2.08
N ASP A 58 -3.40 6.90 -1.67
CA ASP A 58 -2.24 6.03 -1.65
C ASP A 58 -1.16 6.79 -0.91
N THR A 59 -0.20 6.04 -0.41
CA THR A 59 0.96 6.57 0.28
C THR A 59 2.14 5.83 -0.31
N LEU A 60 3.14 6.55 -0.82
CA LEU A 60 4.28 5.95 -1.52
C LEU A 60 5.56 6.26 -0.71
N LEU A 61 6.31 5.21 -0.36
CA LEU A 61 7.58 5.38 0.37
C LEU A 61 8.68 5.32 -0.65
N VAL A 62 9.56 6.33 -0.63
CA VAL A 62 10.63 6.32 -1.57
C VAL A 62 11.93 6.58 -0.84
N GLY A 63 12.92 5.76 -1.18
CA GLY A 63 14.27 5.95 -0.67
C GLY A 63 15.13 4.79 -1.15
N PRO A 64 16.44 4.89 -0.91
CA PRO A 64 17.04 6.01 -0.16
C PRO A 64 17.18 7.20 -1.06
N ILE A 65 17.19 8.39 -0.49
CA ILE A 65 17.17 9.58 -1.29
C ILE A 65 18.61 10.03 -1.59
N PRO A 66 19.08 9.97 -2.84
CA PRO A 66 20.40 10.56 -3.15
C PRO A 66 20.35 12.08 -3.12
N ILE A 67 21.52 12.72 -2.88
CA ILE A 67 21.73 14.14 -2.98
C ILE A 67 21.46 14.68 -4.37
N GLY A 68 20.90 15.89 -4.44
CA GLY A 68 20.64 16.56 -5.69
C GLY A 68 19.25 16.34 -6.26
N ILE A 69 19.12 16.40 -7.58
CA ILE A 69 17.80 16.29 -8.22
C ILE A 69 17.31 14.85 -8.22
N ASN A 70 16.02 14.68 -7.89
CA ASN A 70 15.33 13.38 -7.93
C ASN A 70 14.06 13.60 -8.69
N LYS A 71 13.66 12.61 -9.47
CA LYS A 71 12.42 12.71 -10.24
C LYS A 71 11.73 11.38 -10.16
N PHE A 72 10.41 11.41 -9.97
CA PHE A 72 9.70 10.14 -9.95
C PHE A 72 8.26 10.39 -10.27
N VAL A 73 7.57 9.32 -10.59
CA VAL A 73 6.12 9.41 -10.86
C VAL A 73 5.35 8.74 -9.73
N PHE A 74 4.49 9.54 -9.07
CA PHE A 74 3.59 9.04 -8.03
C PHE A 74 2.25 8.69 -8.70
N GLU A 75 1.98 7.38 -8.86
CA GLU A 75 0.71 6.86 -9.38
C GLU A 75 -0.17 6.50 -8.19
N ALA A 76 -1.37 7.04 -8.16
CA ALA A 76 -2.26 6.78 -7.03
C ALA A 76 -3.61 6.29 -7.51
N ASP A 77 -4.26 5.44 -6.68
CA ASP A 77 -5.56 4.89 -7.03
C ASP A 77 -6.58 6.00 -7.06
N PRO A 78 -7.69 5.82 -7.80
CA PRO A 78 -8.81 6.76 -7.78
C PRO A 78 -9.64 6.71 -6.50
N PRO A 79 -10.54 7.66 -6.25
CA PRO A 79 -11.36 7.63 -5.05
C PRO A 79 -12.34 6.45 -5.08
N ASN A 80 -12.74 6.01 -3.91
CA ASN A 80 -13.79 4.99 -3.74
C ASN A 80 -15.17 5.66 -3.76
N ILE A 81 -16.14 5.15 -4.50
CA ILE A 81 -17.46 5.81 -4.53
C ILE A 81 -18.50 5.05 -3.70
N ASP A 82 -18.07 3.96 -3.09
CA ASP A 82 -19.01 3.03 -2.40
C ASP A 82 -19.74 3.68 -1.23
N LEU A 83 -19.13 4.66 -0.59
CA LEU A 83 -19.67 5.19 0.68
C LEU A 83 -20.46 6.51 0.54
N LEU A 84 -20.61 6.99 -0.68
CA LEU A 84 -21.22 8.30 -0.89
C LEU A 84 -22.75 8.22 -0.73
N PRO A 85 -23.37 9.25 -0.13
CA PRO A 85 -24.84 9.28 -0.08
C PRO A 85 -25.44 9.32 -1.51
N GLN A 86 -24.75 9.96 -2.47
CA GLN A 86 -25.18 9.88 -3.86
C GLN A 86 -24.00 10.11 -4.75
N LEU A 87 -24.04 9.51 -5.92
CA LEU A 87 -22.87 9.53 -6.80
C LEU A 87 -22.55 10.91 -7.30
N SER A 88 -23.56 11.80 -7.38
CA SER A 88 -23.30 13.14 -7.86
C SER A 88 -22.42 13.96 -6.92
N ASP A 89 -22.16 13.47 -5.70
CA ASP A 89 -21.13 14.07 -4.86
C ASP A 89 -19.75 14.18 -5.50
N VAL A 90 -19.42 13.31 -6.44
CA VAL A 90 -18.16 13.43 -7.16
C VAL A 90 -18.10 14.61 -8.16
N LEU A 91 -19.26 15.13 -8.55
CA LEU A 91 -19.32 16.15 -9.60
C LEU A 91 -19.06 17.55 -9.04
N GLY A 92 -18.69 18.49 -9.92
CA GLY A 92 -18.42 19.84 -9.49
C GLY A 92 -16.99 19.85 -8.96
N VAL A 93 -16.68 20.85 -8.14
CA VAL A 93 -15.30 21.11 -7.77
C VAL A 93 -14.99 20.30 -6.53
N THR A 94 -13.92 19.52 -6.56
CA THR A 94 -13.40 18.86 -5.37
C THR A 94 -11.90 19.21 -5.26
N VAL A 95 -11.20 18.63 -4.28
CA VAL A 95 -9.80 18.99 -4.01
C VAL A 95 -8.94 17.76 -3.91
N ILE A 96 -7.66 17.86 -4.32
CA ILE A 96 -6.74 16.76 -4.09
C ILE A 96 -5.52 17.43 -3.45
N LEU A 97 -4.89 16.73 -2.51
CA LEU A 97 -3.73 17.28 -1.78
C LEU A 97 -2.57 16.33 -1.92
N LEU A 98 -1.47 16.81 -2.49
CA LEU A 98 -0.27 15.98 -2.55
C LEU A 98 0.63 16.40 -1.39
N SER A 99 1.17 15.46 -0.62
CA SER A 99 1.93 15.91 0.53
C SER A 99 3.12 14.99 0.71
N CYS A 100 4.11 15.46 1.45
CA CYS A 100 5.24 14.59 1.73
C CYS A 100 5.59 14.76 3.19
N ALA A 101 5.94 13.64 3.83
CA ALA A 101 6.34 13.65 5.23
C ALA A 101 7.69 12.99 5.36
N TYR A 102 8.40 13.34 6.43
CA TYR A 102 9.65 12.64 6.78
C TYR A 102 9.53 12.19 8.23
N GLU A 103 9.71 10.89 8.46
CA GLU A 103 9.52 10.32 9.79
C GLU A 103 8.22 10.72 10.48
N ASP A 104 7.14 10.57 9.73
CA ASP A 104 5.75 10.91 10.08
C ASP A 104 5.46 12.39 10.35
N ASN A 105 6.34 13.28 9.92
CA ASN A 105 6.07 14.72 10.05
C ASN A 105 5.91 15.35 8.68
N GLU A 106 4.69 15.80 8.39
CA GLU A 106 4.43 16.45 7.08
C GLU A 106 5.27 17.70 6.97
N PHE A 107 5.97 17.87 5.83
CA PHE A 107 6.76 19.10 5.61
C PHE A 107 6.34 19.92 4.38
N VAL A 108 5.52 19.32 3.50
CA VAL A 108 4.97 20.08 2.37
C VAL A 108 3.65 19.53 1.95
N ARG A 109 2.78 20.42 1.50
CA ARG A 109 1.46 20.01 0.98
C ARG A 109 1.19 20.85 -0.24
N VAL A 110 0.77 20.18 -1.31
CA VAL A 110 0.45 20.91 -2.54
C VAL A 110 -1.00 20.60 -2.87
N GLY A 111 -1.85 21.61 -2.83
CA GLY A 111 -3.30 21.37 -2.99
C GLY A 111 -3.81 21.85 -4.35
N TYR A 112 -4.81 21.16 -4.94
CA TYR A 112 -5.32 21.54 -6.25
C TYR A 112 -6.84 21.50 -6.20
N TYR A 113 -7.51 22.47 -6.82
CA TYR A 113 -8.93 22.27 -7.19
C TYR A 113 -9.02 21.34 -8.40
N VAL A 114 -10.13 20.59 -8.49
CA VAL A 114 -10.39 19.69 -9.54
C VAL A 114 -11.86 19.86 -9.98
N ASN A 115 -12.05 20.09 -11.27
CA ASN A 115 -13.37 20.18 -11.85
C ASN A 115 -13.79 18.79 -12.23
N ASN A 116 -15.09 18.48 -12.11
CA ASN A 116 -15.56 17.13 -12.48
C ASN A 116 -16.87 17.28 -13.18
N GLU A 117 -16.94 16.67 -14.36
CA GLU A 117 -18.12 16.82 -15.21
C GLU A 117 -18.59 15.50 -15.72
N MET A 118 -19.86 15.36 -16.07
CA MET A 118 -20.31 14.08 -16.67
C MET A 118 -20.78 14.37 -18.07
N GLU A 119 -20.42 13.48 -18.99
CA GLU A 119 -20.82 13.57 -20.38
C GLU A 119 -22.34 13.63 -20.37
N GLY A 120 -22.89 14.60 -21.13
CA GLY A 120 -24.32 14.80 -21.23
C GLY A 120 -24.99 15.69 -20.18
N LEU A 121 -24.26 16.18 -19.19
CA LEU A 121 -24.92 17.00 -18.19
C LEU A 121 -24.31 18.35 -18.07
N ASN A 122 -25.14 19.35 -17.99
CA ASN A 122 -24.64 20.70 -17.72
C ASN A 122 -25.11 21.10 -16.30
N LEU A 123 -24.19 21.05 -15.34
CA LEU A 123 -24.48 21.29 -13.93
C LEU A 123 -24.93 22.72 -13.65
N GLN A 124 -24.46 23.70 -14.47
CA GLN A 124 -24.91 25.10 -14.30
C GLN A 124 -26.38 25.34 -14.61
N GLU A 125 -26.98 24.43 -15.37
CA GLU A 125 -28.40 24.54 -15.72
C GLU A 125 -29.30 23.68 -14.86
N MET A 126 -28.71 23.04 -13.85
CA MET A 126 -29.45 22.14 -12.99
C MET A 126 -29.66 22.74 -11.62
N ASP A 127 -30.83 22.55 -11.01
CA ASP A 127 -30.98 23.00 -9.64
C ASP A 127 -30.38 21.96 -8.64
N ASP A 128 -30.44 22.27 -7.36
CA ASP A 128 -29.68 21.48 -6.42
C ASP A 128 -30.29 20.13 -6.26
N ALA A 129 -31.61 20.08 -6.25
CA ALA A 129 -32.32 18.82 -6.21
C ALA A 129 -32.00 17.94 -7.41
N GLU A 130 -31.97 18.54 -8.59
CA GLU A 130 -31.64 17.77 -9.80
C GLU A 130 -30.26 17.14 -9.68
N ILE A 131 -29.27 17.94 -9.27
CA ILE A 131 -27.92 17.46 -9.08
C ILE A 131 -27.88 16.32 -8.09
N LYS A 132 -28.67 16.40 -7.00
CA LYS A 132 -28.62 15.35 -5.98
C LYS A 132 -29.10 14.00 -6.49
N LYS A 133 -30.12 14.04 -7.35
CA LYS A 133 -30.85 12.85 -7.74
C LYS A 133 -30.48 12.27 -9.11
N VAL A 134 -29.71 13.01 -9.89
CA VAL A 134 -29.37 12.51 -11.26
C VAL A 134 -28.63 11.19 -11.25
N LYS A 135 -28.93 10.29 -12.19
CA LYS A 135 -28.17 9.02 -12.30
C LYS A 135 -26.79 9.24 -12.86
N VAL A 136 -25.75 8.94 -12.09
CA VAL A 136 -24.37 9.22 -12.54
C VAL A 136 -23.78 7.95 -13.07
N ASP A 137 -23.27 7.99 -14.30
CA ASP A 137 -22.51 6.89 -14.82
C ASP A 137 -21.08 7.29 -14.59
N ILE A 138 -20.39 6.58 -13.69
CA ILE A 138 -19.02 6.98 -13.31
C ILE A 138 -18.08 6.89 -14.50
N SER A 139 -18.41 5.97 -15.42
CA SER A 139 -17.63 5.71 -16.63
C SER A 139 -17.63 6.94 -17.55
N LYS A 140 -18.57 7.85 -17.32
CA LYS A 140 -18.69 9.08 -18.13
C LYS A 140 -18.29 10.36 -17.41
N VAL A 141 -17.69 10.21 -16.23
CA VAL A 141 -17.30 11.33 -15.41
C VAL A 141 -15.80 11.62 -15.65
N TRP A 142 -15.47 12.86 -16.02
CA TRP A 142 -14.06 13.21 -16.25
C TRP A 142 -13.65 14.21 -15.22
N ARG A 143 -12.41 14.07 -14.70
CA ARG A 143 -11.85 15.10 -13.81
C ARG A 143 -10.85 15.94 -14.58
N SER A 144 -10.70 17.19 -14.14
CA SER A 144 -9.70 18.03 -14.76
C SER A 144 -9.05 18.79 -13.61
N ILE A 145 -7.80 18.44 -13.31
CA ILE A 145 -7.10 19.05 -12.18
C ILE A 145 -6.58 20.41 -12.62
N LEU A 146 -6.82 21.41 -11.79
CA LEU A 146 -6.40 22.75 -12.11
C LEU A 146 -4.92 22.91 -11.74
N ALA A 147 -4.06 22.38 -12.59
CA ALA A 147 -2.65 22.09 -12.19
C ALA A 147 -1.74 23.29 -12.27
N GLU A 148 -2.24 24.37 -12.87
CA GLU A 148 -1.48 25.64 -12.94
C GLU A 148 -1.64 26.54 -11.70
N LYS A 149 -2.53 26.19 -10.79
CA LYS A 149 -2.73 27.00 -9.58
C LYS A 149 -2.59 26.12 -8.34
N PRO A 150 -1.39 25.60 -8.04
CA PRO A 150 -1.19 24.86 -6.78
C PRO A 150 -1.24 25.79 -5.57
N ARG A 151 -1.88 25.36 -4.49
CA ARG A 151 -1.72 25.99 -3.19
C ARG A 151 -0.56 25.25 -2.53
N VAL A 152 0.55 25.91 -2.19
CA VAL A 152 1.70 25.24 -1.61
C VAL A 152 1.89 25.67 -0.16
N THR A 153 1.98 24.71 0.76
CA THR A 153 2.17 25.03 2.16
C THR A 153 3.40 24.27 2.60
N ARG A 154 4.26 24.90 3.39
CA ARG A 154 5.46 24.27 3.91
C ARG A 154 5.50 24.33 5.46
N PHE A 155 5.92 23.24 6.09
CA PHE A 155 5.90 23.09 7.56
C PHE A 155 7.31 22.79 8.01
N ASN A 156 7.81 23.56 8.97
CA ASN A 156 9.19 23.32 9.43
C ASN A 156 9.17 22.01 10.21
N ILE A 157 10.13 21.15 9.92
CA ILE A 157 10.23 19.89 10.67
C ILE A 157 11.69 19.70 11.11
N GLN A 158 11.93 18.65 11.88
CA GLN A 158 13.23 18.42 12.48
C GLN A 158 14.27 17.64 11.66
N TRP A 159 13.84 16.90 10.65
CA TRP A 159 14.80 16.10 9.86
C TRP A 159 15.63 15.16 10.77
N ASP A 160 16.95 15.12 10.56
CA ASP A 160 17.82 14.24 11.36
C ASP A 160 18.63 15.03 12.41
N SER B 2 12.78 -16.44 -16.54
CA SER B 2 12.35 -15.34 -15.61
C SER B 2 13.26 -14.09 -15.59
N ILE B 3 12.64 -12.94 -15.76
CA ILE B 3 13.34 -11.70 -15.57
C ILE B 3 13.75 -11.46 -14.10
N VAL B 4 13.03 -12.07 -13.14
CA VAL B 4 13.24 -11.74 -11.72
C VAL B 4 13.52 -12.97 -10.94
N ASN B 5 14.64 -12.98 -10.21
CA ASN B 5 15.04 -14.11 -9.40
C ASN B 5 15.25 -13.63 -7.97
N ILE B 6 14.60 -14.28 -7.00
CA ILE B 6 14.77 -13.94 -5.59
C ILE B 6 16.03 -14.59 -5.08
N LEU B 7 16.94 -13.76 -4.56
CA LEU B 7 18.26 -14.23 -4.08
C LEU B 7 18.29 -14.58 -2.60
N SER B 8 17.50 -13.83 -1.81
CA SER B 8 17.55 -13.96 -0.38
C SER B 8 16.26 -13.42 0.29
N VAL B 9 15.76 -14.15 1.26
CA VAL B 9 14.71 -13.62 2.11
C VAL B 9 15.12 -13.79 3.58
N ASN B 10 15.19 -12.66 4.26
CA ASN B 10 15.45 -12.68 5.70
C ASN B 10 14.28 -12.13 6.46
N VAL B 11 13.86 -12.82 7.54
CA VAL B 11 12.90 -12.25 8.48
C VAL B 11 13.67 -11.43 9.52
N LEU B 12 13.46 -10.13 9.52
CA LEU B 12 14.26 -9.26 10.36
C LEU B 12 13.95 -9.47 11.86
N ASN B 13 12.69 -9.74 12.20
CA ASN B 13 12.25 -9.72 13.62
C ASN B 13 11.65 -11.07 13.93
N ASN B 14 12.43 -11.95 14.57
CA ASN B 14 12.06 -13.38 14.67
C ASN B 14 12.89 -14.07 15.78
N PRO B 15 12.25 -14.58 16.83
CA PRO B 15 10.78 -14.60 17.00
C PRO B 15 10.21 -13.19 17.24
N ALA B 16 8.89 -13.12 17.32
CA ALA B 16 8.18 -11.87 17.52
C ALA B 16 6.83 -12.17 18.16
N LYS B 17 6.20 -11.13 18.72
CA LYS B 17 4.85 -11.26 19.19
C LYS B 17 3.92 -11.55 17.99
N PHE B 18 2.83 -12.27 18.25
CA PHE B 18 1.88 -12.58 17.17
C PHE B 18 1.40 -11.29 16.47
N SER B 19 1.15 -10.26 17.28
CA SER B 19 0.64 -8.96 16.80
C SER B 19 1.70 -8.03 16.21
N ASP B 20 2.97 -8.44 16.20
CA ASP B 20 3.95 -7.52 15.66
C ASP B 20 3.90 -7.62 14.13
N PRO B 21 3.96 -6.49 13.41
CA PRO B 21 4.08 -6.54 11.94
C PRO B 21 5.24 -7.40 11.51
N TYR B 22 5.07 -8.09 10.37
CA TYR B 22 6.15 -8.87 9.76
C TYR B 22 7.10 -8.00 9.00
N LYS B 23 8.41 -8.28 9.10
CA LYS B 23 9.39 -7.56 8.32
C LYS B 23 10.24 -8.58 7.56
N PHE B 24 10.07 -8.60 6.23
CA PHE B 24 10.81 -9.50 5.35
C PHE B 24 11.75 -8.66 4.49
N GLU B 25 13.04 -8.87 4.66
CA GLU B 25 14.06 -8.22 3.86
C GLU B 25 14.40 -9.09 2.67
N ILE B 26 14.12 -8.55 1.50
CA ILE B 26 14.13 -9.31 0.27
C ILE B 26 15.13 -8.76 -0.68
N THR B 27 16.03 -9.62 -1.13
CA THR B 27 17.00 -9.27 -2.20
C THR B 27 16.65 -10.08 -3.45
N PHE B 28 16.61 -9.42 -4.60
CA PHE B 28 16.34 -10.10 -5.86
C PHE B 28 17.15 -9.49 -6.96
N GLU B 29 17.32 -10.23 -8.05
CA GLU B 29 17.94 -9.66 -9.22
C GLU B 29 16.86 -9.51 -10.28
N CYS B 30 16.93 -8.40 -11.00
CA CYS B 30 16.16 -8.15 -12.18
C CYS B 30 17.08 -8.16 -13.40
N LEU B 31 16.85 -9.14 -14.30
CA LEU B 31 17.76 -9.49 -15.43
C LEU B 31 17.52 -8.70 -16.73
N GLU B 32 16.30 -8.19 -16.91
CA GLU B 32 15.99 -7.25 -18.00
C GLU B 32 15.04 -6.11 -17.58
N PRO B 33 14.93 -5.04 -18.37
CA PRO B 33 13.95 -3.98 -18.08
C PRO B 33 12.48 -4.49 -18.05
N LEU B 34 11.69 -3.92 -17.14
CA LEU B 34 10.27 -4.26 -16.99
C LEU B 34 9.42 -2.98 -17.01
N LYS B 35 8.30 -3.02 -17.76
CA LYS B 35 7.37 -1.90 -17.91
C LYS B 35 6.63 -1.61 -16.59
N SER B 36 6.35 -2.66 -15.81
CA SER B 36 5.47 -2.51 -14.67
C SER B 36 6.09 -2.83 -13.31
N ASP B 37 5.35 -2.51 -12.26
CA ASP B 37 5.78 -2.76 -10.89
C ASP B 37 5.75 -4.29 -10.57
N LEU B 38 6.51 -4.67 -9.58
CA LEU B 38 6.32 -6.01 -8.97
C LEU B 38 5.30 -5.88 -7.85
N GLU B 39 4.45 -6.90 -7.71
CA GLU B 39 3.41 -6.91 -6.72
C GLU B 39 3.70 -8.03 -5.73
N TRP B 40 4.16 -7.64 -4.55
CA TRP B 40 4.45 -8.60 -3.48
C TRP B 40 3.28 -8.76 -2.53
N LYS B 41 3.10 -9.96 -1.95
CA LYS B 41 1.95 -10.22 -1.10
C LYS B 41 2.39 -11.16 0.03
N LEU B 42 1.88 -10.96 1.24
CA LEU B 42 2.06 -11.90 2.32
C LEU B 42 0.68 -12.39 2.72
N THR B 43 0.57 -13.71 2.84
CA THR B 43 -0.69 -14.40 3.13
C THR B 43 -0.54 -15.28 4.32
N TYR B 44 -1.40 -15.07 5.30
CA TYR B 44 -1.39 -15.92 6.49
C TYR B 44 -2.28 -17.11 6.22
N VAL B 45 -1.80 -18.31 6.51
CA VAL B 45 -2.58 -19.49 6.18
C VAL B 45 -2.89 -20.14 7.50
N GLY B 46 -4.13 -19.96 7.90
CA GLY B 46 -4.57 -20.33 9.25
C GLY B 46 -4.89 -21.79 9.51
N SER B 47 -5.22 -22.55 8.45
CA SER B 47 -5.63 -23.98 8.51
C SER B 47 -4.93 -24.79 7.43
N ALA B 48 -4.49 -26.02 7.75
CA ALA B 48 -3.78 -26.89 6.78
C ALA B 48 -4.70 -27.62 5.80
N THR B 49 -6.00 -27.59 6.07
CA THR B 49 -7.00 -28.41 5.37
C THR B 49 -7.84 -27.63 4.33
N SER B 50 -8.05 -26.33 4.57
CA SER B 50 -8.87 -25.46 3.70
C SER B 50 -8.19 -24.11 3.49
N GLN B 51 -8.73 -23.31 2.56
CA GLN B 51 -8.27 -21.95 2.29
C GLN B 51 -9.18 -20.96 2.98
N SER B 52 -10.20 -21.51 3.63
CA SER B 52 -11.20 -20.66 4.23
C SER B 52 -10.54 -19.71 5.28
N TYR B 53 -9.44 -20.13 5.90
CA TYR B 53 -8.85 -19.27 6.90
C TYR B 53 -7.56 -18.53 6.46
N ASP B 54 -7.38 -18.44 5.15
CA ASP B 54 -6.31 -17.59 4.61
C ASP B 54 -6.62 -16.11 4.79
N GLN B 55 -5.59 -15.32 5.12
CA GLN B 55 -5.74 -13.88 5.19
C GLN B 55 -4.67 -13.25 4.37
N ILE B 56 -5.06 -12.39 3.43
CA ILE B 56 -4.06 -11.57 2.77
C ILE B 56 -3.68 -10.42 3.70
N LEU B 57 -2.46 -10.46 4.21
CA LEU B 57 -2.05 -9.52 5.23
C LEU B 57 -1.77 -8.13 4.62
N ASP B 58 -1.10 -8.10 3.47
CA ASP B 58 -0.75 -6.83 2.83
C ASP B 58 -0.24 -7.13 1.45
N THR B 59 -0.34 -6.14 0.56
CA THR B 59 0.11 -6.31 -0.82
C THR B 59 0.87 -5.02 -1.13
N LEU B 60 2.07 -5.16 -1.67
CA LEU B 60 3.00 -4.04 -1.85
C LEU B 60 3.45 -3.92 -3.30
N LEU B 61 3.20 -2.75 -3.91
CA LEU B 61 3.67 -2.58 -5.28
C LEU B 61 5.01 -1.92 -5.20
N VAL B 62 5.98 -2.46 -5.95
CA VAL B 62 7.34 -1.96 -5.85
C VAL B 62 7.82 -1.68 -7.28
N GLY B 63 8.32 -0.46 -7.51
CA GLY B 63 8.89 -0.17 -8.82
C GLY B 63 9.08 1.34 -9.00
N PRO B 64 9.65 1.76 -10.11
CA PRO B 64 10.06 0.89 -11.21
C PRO B 64 11.31 0.08 -10.81
N ILE B 65 11.58 -1.01 -11.50
CA ILE B 65 12.65 -1.93 -11.13
C ILE B 65 13.87 -1.79 -12.04
N PRO B 66 15.01 -1.41 -11.44
CA PRO B 66 16.31 -1.36 -12.15
C PRO B 66 16.96 -2.71 -12.43
N ILE B 67 17.82 -2.78 -13.44
CA ILE B 67 18.58 -4.00 -13.70
C ILE B 67 19.57 -4.24 -12.57
N GLY B 68 19.80 -5.51 -12.25
CA GLY B 68 20.77 -5.90 -11.23
C GLY B 68 20.15 -6.20 -9.89
N ILE B 69 20.92 -6.03 -8.83
CA ILE B 69 20.47 -6.39 -7.48
C ILE B 69 19.54 -5.28 -6.93
N ASN B 70 18.47 -5.70 -6.24
CA ASN B 70 17.53 -4.77 -5.59
C ASN B 70 17.28 -5.34 -4.23
N LYS B 71 17.11 -4.51 -3.22
CA LYS B 71 16.88 -5.04 -1.87
C LYS B 71 15.92 -4.12 -1.19
N PHE B 72 14.91 -4.69 -0.51
CA PHE B 72 13.93 -3.88 0.21
C PHE B 72 13.31 -4.65 1.39
N VAL B 73 12.62 -3.92 2.26
CA VAL B 73 11.88 -4.51 3.36
C VAL B 73 10.38 -4.41 3.10
N PHE B 74 9.71 -5.56 3.16
CA PHE B 74 8.28 -5.68 3.03
C PHE B 74 7.78 -5.80 4.45
N GLU B 75 7.16 -4.72 4.95
CA GLU B 75 6.52 -4.74 6.29
C GLU B 75 5.02 -4.94 6.12
N ALA B 76 4.51 -5.98 6.78
CA ALA B 76 3.09 -6.38 6.54
C ALA B 76 2.35 -6.39 7.88
N ASP B 77 1.05 -6.10 7.89
CA ASP B 77 0.23 -6.19 9.10
C ASP B 77 0.22 -7.63 9.67
N PRO B 78 0.01 -7.76 10.98
CA PRO B 78 -0.20 -9.07 11.63
C PRO B 78 -1.60 -9.59 11.20
N PRO B 79 -1.89 -10.85 11.46
CA PRO B 79 -3.23 -11.42 11.22
C PRO B 79 -4.30 -10.80 12.10
N ASN B 80 -5.53 -10.79 11.58
CA ASN B 80 -6.72 -10.38 12.30
C ASN B 80 -7.30 -11.56 13.10
N ILE B 81 -7.59 -11.37 14.39
CA ILE B 81 -8.09 -12.49 15.18
C ILE B 81 -9.63 -12.45 15.37
N ASP B 82 -10.29 -11.46 14.78
CA ASP B 82 -11.72 -11.14 15.14
C ASP B 82 -12.74 -12.21 14.75
N LEU B 83 -12.39 -12.98 13.73
CA LEU B 83 -13.32 -13.89 13.06
C LEU B 83 -13.10 -15.36 13.45
N LEU B 84 -12.11 -15.65 14.31
CA LEU B 84 -11.78 -17.05 14.60
C LEU B 84 -12.83 -17.64 15.55
N PRO B 85 -13.17 -18.93 15.39
CA PRO B 85 -14.08 -19.62 16.35
C PRO B 85 -13.49 -19.67 17.75
N GLN B 86 -12.16 -19.85 17.91
CA GLN B 86 -11.53 -19.69 19.21
C GLN B 86 -10.13 -19.20 18.96
N LEU B 87 -9.61 -18.48 19.93
CA LEU B 87 -8.31 -17.79 19.74
C LEU B 87 -7.16 -18.77 19.66
N SER B 88 -7.35 -19.95 20.26
CA SER B 88 -6.30 -20.95 20.21
C SER B 88 -6.03 -21.43 18.79
N ASP B 89 -6.90 -21.12 17.83
CA ASP B 89 -6.53 -21.40 16.42
C ASP B 89 -5.20 -20.76 15.92
N VAL B 90 -4.75 -19.70 16.57
CA VAL B 90 -3.44 -19.12 16.21
C VAL B 90 -2.24 -19.94 16.71
N LEU B 91 -2.49 -20.81 17.67
CA LEU B 91 -1.40 -21.55 18.32
C LEU B 91 -1.00 -22.76 17.53
N GLY B 92 0.21 -23.27 17.76
CA GLY B 92 0.67 -24.46 17.05
C GLY B 92 1.24 -24.03 15.70
N VAL B 93 1.36 -24.95 14.74
CA VAL B 93 2.03 -24.59 13.46
C VAL B 93 1.03 -23.97 12.51
N THR B 94 1.39 -22.80 11.97
CA THR B 94 0.62 -22.21 10.88
C THR B 94 1.57 -21.95 9.73
N VAL B 95 1.07 -21.32 8.65
CA VAL B 95 1.87 -21.06 7.47
C VAL B 95 1.84 -19.61 7.04
N ILE B 96 2.97 -19.13 6.51
CA ILE B 96 3.03 -17.84 5.87
C ILE B 96 3.58 -17.97 4.44
N LEU B 97 2.94 -17.30 3.49
CA LEU B 97 3.36 -17.39 2.08
C LEU B 97 3.74 -16.01 1.61
N LEU B 98 4.98 -15.89 1.15
CA LEU B 98 5.41 -14.66 0.52
C LEU B 98 5.36 -14.90 -1.00
N SER B 99 4.68 -14.02 -1.75
CA SER B 99 4.60 -14.24 -3.21
C SER B 99 4.85 -12.98 -3.96
N CYS B 100 5.28 -13.13 -5.22
CA CYS B 100 5.37 -11.96 -6.09
C CYS B 100 4.66 -12.25 -7.41
N ALA B 101 4.00 -11.23 -7.95
CA ALA B 101 3.33 -11.32 -9.23
C ALA B 101 3.78 -10.17 -10.12
N TYR B 102 3.63 -10.37 -11.43
CA TYR B 102 3.87 -9.29 -12.38
C TYR B 102 2.62 -9.17 -13.24
N GLU B 103 2.04 -7.97 -13.35
CA GLU B 103 0.82 -7.74 -14.14
C GLU B 103 -0.27 -8.81 -13.87
N ASP B 104 -0.51 -9.01 -12.58
CA ASP B 104 -1.47 -9.92 -11.97
C ASP B 104 -1.22 -11.43 -12.10
N ASN B 105 -0.01 -11.82 -12.53
CA ASN B 105 0.31 -13.26 -12.67
C ASN B 105 1.41 -13.60 -11.69
N GLU B 106 1.09 -14.43 -10.71
CA GLU B 106 2.10 -14.84 -9.72
C GLU B 106 3.22 -15.62 -10.42
N PHE B 107 4.47 -15.33 -10.05
CA PHE B 107 5.62 -15.99 -10.65
C PHE B 107 6.52 -16.65 -9.61
N VAL B 108 6.31 -16.35 -8.31
CA VAL B 108 7.11 -17.07 -7.28
C VAL B 108 6.35 -17.06 -5.99
N ARG B 109 6.49 -18.14 -5.22
CA ARG B 109 5.82 -18.22 -3.92
C ARG B 109 6.85 -18.89 -2.99
N VAL B 110 7.01 -18.29 -1.80
CA VAL B 110 7.97 -18.83 -0.83
C VAL B 110 7.16 -19.09 0.43
N GLY B 111 7.05 -20.36 0.81
CA GLY B 111 6.22 -20.67 1.98
C GLY B 111 7.07 -21.01 3.19
N TYR B 112 6.53 -20.70 4.39
CA TYR B 112 7.20 -20.98 5.62
C TYR B 112 6.24 -21.54 6.62
N TYR B 113 6.70 -22.53 7.39
CA TYR B 113 5.97 -22.93 8.60
C TYR B 113 6.36 -21.97 9.72
N VAL B 114 5.43 -21.76 10.64
CA VAL B 114 5.56 -20.81 11.73
C VAL B 114 5.07 -21.48 12.97
N ASN B 115 5.94 -21.55 13.97
CA ASN B 115 5.56 -22.11 15.28
C ASN B 115 4.91 -21.00 16.10
N ASN B 116 3.90 -21.31 16.93
CA ASN B 116 3.24 -20.25 17.72
C ASN B 116 2.99 -20.83 19.06
N GLU B 117 3.38 -20.09 20.10
CA GLU B 117 3.32 -20.60 21.45
C GLU B 117 2.87 -19.49 22.34
N MET B 118 2.26 -19.85 23.47
CA MET B 118 1.82 -18.82 24.41
C MET B 118 2.62 -19.02 25.69
N GLU B 119 3.09 -17.91 26.26
CA GLU B 119 3.82 -17.93 27.53
C GLU B 119 2.95 -18.67 28.54
N GLY B 120 3.53 -19.63 29.31
CA GLY B 120 2.70 -20.35 30.29
C GLY B 120 2.00 -21.63 29.83
N LEU B 121 2.00 -21.95 28.54
CA LEU B 121 1.30 -23.14 28.09
C LEU B 121 2.22 -24.08 27.31
N ASN B 122 2.07 -25.35 27.61
CA ASN B 122 2.76 -26.37 26.87
C ASN B 122 1.71 -27.20 26.13
N LEU B 123 1.59 -26.95 24.82
CA LEU B 123 0.54 -27.51 23.95
C LEU B 123 0.68 -29.02 23.78
N GLN B 124 1.93 -29.51 23.87
CA GLN B 124 2.21 -30.95 23.78
C GLN B 124 1.66 -31.74 24.96
N GLU B 125 1.43 -31.06 26.08
CA GLU B 125 0.84 -31.72 27.23
C GLU B 125 -0.67 -31.59 27.33
N MET B 126 -1.30 -30.89 26.38
CA MET B 126 -2.75 -30.62 26.44
C MET B 126 -3.52 -31.49 25.46
N ASP B 127 -4.66 -31.99 25.86
CA ASP B 127 -5.45 -32.74 24.89
C ASP B 127 -6.23 -31.73 24.02
N ASP B 128 -6.98 -32.24 23.06
CA ASP B 128 -7.55 -31.36 22.03
C ASP B 128 -8.61 -30.44 22.58
N ALA B 129 -9.43 -30.95 23.50
CA ALA B 129 -10.45 -30.10 24.09
C ALA B 129 -9.84 -28.96 24.91
N GLU B 130 -8.75 -29.26 25.62
CA GLU B 130 -8.06 -28.20 26.38
C GLU B 130 -7.50 -27.13 25.46
N ILE B 131 -6.90 -27.51 24.34
CA ILE B 131 -6.42 -26.52 23.40
C ILE B 131 -7.59 -25.67 22.88
N LYS B 132 -8.75 -26.30 22.62
CA LYS B 132 -9.83 -25.53 22.04
C LYS B 132 -10.31 -24.51 23.02
N LYS B 133 -10.40 -24.89 24.30
CA LYS B 133 -11.02 -24.01 25.32
C LYS B 133 -10.13 -23.05 26.08
N VAL B 134 -8.79 -23.26 26.02
CA VAL B 134 -7.91 -22.42 26.87
C VAL B 134 -8.08 -20.89 26.56
N LYS B 135 -8.03 -20.07 27.59
CA LYS B 135 -8.13 -18.62 27.37
C LYS B 135 -6.81 -18.15 26.82
N VAL B 136 -6.84 -17.61 25.60
CA VAL B 136 -5.59 -17.11 24.99
C VAL B 136 -5.42 -15.62 25.23
N ASP B 137 -4.23 -15.21 25.69
CA ASP B 137 -3.88 -13.82 25.81
C ASP B 137 -2.98 -13.55 24.61
N ILE B 138 -3.53 -12.88 23.61
CA ILE B 138 -2.73 -12.70 22.38
C ILE B 138 -1.39 -11.96 22.62
N SER B 139 -1.35 -11.13 23.66
CA SER B 139 -0.14 -10.36 23.98
C SER B 139 0.98 -11.24 24.55
N LYS B 140 0.64 -12.49 24.84
CA LYS B 140 1.63 -13.47 25.30
C LYS B 140 1.91 -14.55 24.28
N VAL B 141 1.47 -14.31 23.07
CA VAL B 141 1.65 -15.31 22.00
C VAL B 141 2.82 -14.88 21.11
N TRP B 142 3.77 -15.81 20.93
CA TRP B 142 4.91 -15.52 20.08
C TRP B 142 4.98 -16.39 18.89
N ARG B 143 5.29 -15.79 17.74
CA ARG B 143 5.56 -16.56 16.53
C ARG B 143 7.02 -16.75 16.32
N SER B 144 7.34 -17.88 15.68
CA SER B 144 8.71 -18.14 15.29
C SER B 144 8.65 -18.74 13.89
N ILE B 145 9.01 -17.91 12.89
CA ILE B 145 9.03 -18.37 11.49
C ILE B 145 10.25 -19.27 11.23
N LEU B 146 10.00 -20.43 10.61
CA LEU B 146 11.06 -21.40 10.35
C LEU B 146 11.77 -20.98 9.04
N ALA B 147 12.61 -19.95 9.15
CA ALA B 147 12.94 -19.21 7.93
C ALA B 147 14.12 -19.78 7.17
N GLU B 148 14.73 -20.83 7.76
CA GLU B 148 15.83 -21.53 7.08
C GLU B 148 15.33 -22.69 6.22
N LYS B 149 14.01 -22.91 6.20
CA LYS B 149 13.39 -23.98 5.41
C LYS B 149 12.26 -23.46 4.51
N PRO B 150 12.56 -22.62 3.52
CA PRO B 150 11.48 -22.14 2.64
C PRO B 150 11.07 -23.19 1.62
N ARG B 151 9.78 -23.26 1.34
CA ARG B 151 9.29 -24.03 0.20
C ARG B 151 9.18 -23.01 -0.90
N VAL B 152 9.84 -23.25 -2.02
CA VAL B 152 9.91 -22.25 -3.09
C VAL B 152 9.26 -22.85 -4.33
N THR B 153 8.33 -22.12 -4.93
CA THR B 153 7.60 -22.59 -6.10
C THR B 153 7.72 -21.48 -7.13
N ARG B 154 7.98 -21.83 -8.39
CA ARG B 154 8.10 -20.80 -9.42
C ARG B 154 7.13 -21.14 -10.55
N PHE B 155 6.49 -20.11 -11.12
CA PHE B 155 5.52 -20.32 -12.18
C PHE B 155 5.95 -19.54 -13.38
N ASN B 156 5.94 -20.15 -14.58
CA ASN B 156 6.36 -19.39 -15.74
C ASN B 156 5.26 -18.38 -16.09
N ILE B 157 5.66 -17.14 -16.35
CA ILE B 157 4.67 -16.13 -16.79
C ILE B 157 5.17 -15.40 -18.04
N GLN B 158 4.34 -14.51 -18.59
CA GLN B 158 4.70 -13.90 -19.88
C GLN B 158 5.64 -12.66 -19.85
N TRP B 159 5.73 -12.00 -18.70
CA TRP B 159 6.52 -10.75 -18.58
C TRP B 159 6.05 -9.71 -19.62
N ASP B 160 7.00 -9.10 -20.30
CA ASP B 160 6.71 -8.07 -21.30
C ASP B 160 6.79 -8.63 -22.72
N ASN B 161 6.75 -9.96 -22.85
CA ASN B 161 6.88 -10.64 -24.16
C ASN B 161 5.63 -10.62 -25.01
N LEU C 5 13.82 3.24 -5.19
CA LEU C 5 12.76 2.22 -5.17
C LEU C 5 11.52 2.72 -4.50
N ALA C 6 10.38 2.65 -5.19
CA ALA C 6 9.21 3.24 -4.57
C ALA C 6 8.26 2.10 -4.18
N ARG C 7 7.74 2.16 -2.96
CA ARG C 7 6.87 1.14 -2.44
C ARG C 7 5.52 1.71 -2.04
N ARG C 8 4.46 1.17 -2.63
CA ARG C 8 3.07 1.52 -2.37
C ARG C 8 2.26 0.34 -1.78
N LEU C 9 1.76 0.40 -0.53
CA LEU C 9 0.84 -0.66 -0.06
C LEU C 9 -0.53 -0.53 -0.68
N ARG C 10 -1.14 -1.64 -1.05
CA ARG C 10 -2.52 -1.64 -1.50
C ARG C 10 -3.48 -1.35 -0.35
#